data_6TSC
#
_entry.id   6TSC
#
_cell.length_a   89.379
_cell.length_b   89.379
_cell.length_c   157.001
_cell.angle_alpha   90.000
_cell.angle_beta   90.000
_cell.angle_gamma   120.000
#
_symmetry.space_group_name_H-M   'P 32 2 1'
#
loop_
_entity.id
_entity.type
_entity.pdbx_description
1 polymer 'Peptide N-methyltransferase'
2 polymer GLY-PHE-PRO-TRP-MVA-ILE-MVA-VAL-GLY-VAL-PRO-GLY
3 non-polymer S-ADENOSYL-L-HOMOCYSTEINE
4 water water
#
loop_
_entity_poly.entity_id
_entity_poly.type
_entity_poly.pdbx_seq_one_letter_code
_entity_poly.pdbx_strand_id
1 'polypeptide(L)'
;GTSTQTKAGSLTIVGTGIESIGQMTLQALSYIEAAAKVFYCVIDPATEAFILTKNKNCVDLYQYYDNGKSRLNTYTQMSE
LMVREVRKGLDVVGVFYGHPGVFVNPSHRALAIAKSEGYRARMLPGVSAEDCLFADLCIDPSNPGCLTYEASDFLIRDRP
VSIHSHLVLFQVGCVGIADFNFTGFDNNKFGVLVDRLEQEYGAEHPVVHYIAAMMPHQDPVTDKYTVAQLREPEIAKRVG
GVSTFYIPPKARKASNLDIIRRLELLPAGQVPDKKARIYPANQWEPDVPEVEPYRPSDQAAIAQLADHAPPEQYQPLATS
KAMSDVMTKLALDPKALADYKADHRAFAQSVPDLTPQERAALELGDSWAIRCAMKNMPSSLLDAARESGEEASQNGFPWV
IVVGVPGVIGSVMSTE
;
A
2 'polypeptide(L)' GFPW(MVA)I(MVA)VGVPG B
#
loop_
_chem_comp.id
_chem_comp.type
_chem_comp.name
_chem_comp.formula
SAH non-polymer S-ADENOSYL-L-HOMOCYSTEINE 'C14 H20 N6 O5 S'
#
# COMPACT_ATOMS: atom_id res chain seq x y z
N LYS A 7 -19.05 14.96 18.57
CA LYS A 7 -19.91 13.75 18.78
C LYS A 7 -19.03 12.51 19.06
N ALA A 8 -19.49 11.63 19.97
CA ALA A 8 -18.80 10.42 20.44
C ALA A 8 -18.90 9.30 19.40
N GLY A 9 -17.85 8.49 19.31
CA GLY A 9 -17.75 7.40 18.32
C GLY A 9 -16.88 7.81 17.14
N SER A 10 -16.01 6.91 16.72
CA SER A 10 -15.13 7.06 15.53
C SER A 10 -14.79 5.68 14.94
N LEU A 11 -14.46 5.66 13.66
CA LEU A 11 -13.94 4.47 12.94
C LEU A 11 -12.59 4.82 12.35
N THR A 12 -11.54 4.06 12.71
CA THR A 12 -10.23 4.12 12.04
C THR A 12 -9.93 2.75 11.44
N ILE A 13 -9.77 2.66 10.13
CA ILE A 13 -9.34 1.40 9.45
C ILE A 13 -7.85 1.48 9.18
N VAL A 14 -7.10 0.47 9.66
CA VAL A 14 -5.64 0.28 9.43
C VAL A 14 -5.37 -1.05 8.70
N GLY A 15 -4.13 -1.18 8.25
CA GLY A 15 -3.57 -2.30 7.48
C GLY A 15 -2.50 -3.00 8.29
N THR A 16 -2.20 -4.25 7.96
CA THR A 16 -1.13 -5.05 8.61
C THR A 16 0.02 -5.20 7.61
N GLY A 17 -0.18 -4.80 6.36
CA GLY A 17 0.75 -5.17 5.29
C GLY A 17 0.54 -6.60 4.92
N ILE A 18 1.40 -7.16 4.06
CA ILE A 18 1.24 -8.53 3.50
C ILE A 18 2.04 -9.51 4.34
N GLU A 19 3.31 -9.29 4.53
CA GLU A 19 4.17 -10.24 5.28
C GLU A 19 3.88 -10.11 6.77
N SER A 20 3.87 -11.25 7.43
CA SER A 20 3.36 -11.48 8.80
C SER A 20 4.01 -10.50 9.78
N ILE A 21 3.21 -9.66 10.44
CA ILE A 21 3.57 -8.75 11.57
C ILE A 21 4.49 -7.62 11.07
N GLY A 22 5.59 -7.95 10.45
CA GLY A 22 6.66 -6.97 10.17
C GLY A 22 6.21 -5.87 9.25
N GLN A 23 5.20 -6.09 8.40
CA GLN A 23 4.77 -5.05 7.42
C GLN A 23 3.64 -4.20 7.99
N MET A 24 3.34 -4.31 9.28
CA MET A 24 2.41 -3.37 9.96
C MET A 24 3.20 -2.08 10.25
N THR A 25 2.62 -0.91 9.95
CA THR A 25 3.20 0.41 10.31
C THR A 25 3.10 0.65 11.82
N LEU A 26 3.92 1.54 12.35
CA LEU A 26 3.95 1.92 13.78
C LEU A 26 2.61 2.55 14.15
N GLN A 27 2.04 3.40 13.28
CA GLN A 27 0.75 4.10 13.55
C GLN A 27 -0.37 3.06 13.60
N ALA A 28 -0.40 2.10 12.67
CA ALA A 28 -1.38 0.98 12.71
C ALA A 28 -1.32 0.33 14.10
N LEU A 29 -0.13 -0.05 14.54
CA LEU A 29 0.04 -0.76 15.84
C LEU A 29 -0.49 0.10 16.99
N SER A 30 -0.16 1.38 17.03
CA SER A 30 -0.55 2.26 18.17
C SER A 30 -2.07 2.47 18.18
N TYR A 31 -2.70 2.59 17.02
CA TYR A 31 -4.17 2.77 16.86
C TYR A 31 -4.92 1.51 17.31
N ILE A 32 -4.35 0.33 17.01
CA ILE A 32 -4.86 -0.97 17.49
C ILE A 32 -4.80 -0.96 19.03
N GLU A 33 -3.69 -0.56 19.63
CA GLU A 33 -3.51 -0.56 21.11
C GLU A 33 -4.58 0.35 21.74
N ALA A 34 -4.86 1.50 21.13
CA ALA A 34 -5.69 2.59 21.71
C ALA A 34 -7.19 2.34 21.51
N ALA A 35 -7.57 1.41 20.65
CA ALA A 35 -8.97 1.18 20.21
C ALA A 35 -9.79 0.64 21.38
N ALA A 36 -11.08 0.97 21.43
CA ALA A 36 -12.04 0.41 22.41
C ALA A 36 -12.43 -0.98 21.90
N LYS A 37 -12.66 -1.09 20.59
CA LYS A 37 -13.06 -2.35 19.90
C LYS A 37 -12.31 -2.48 18.58
N VAL A 38 -11.66 -3.64 18.38
CA VAL A 38 -10.90 -3.98 17.15
C VAL A 38 -11.65 -5.07 16.37
N PHE A 39 -11.81 -4.88 15.06
CA PHE A 39 -12.30 -5.91 14.12
C PHE A 39 -11.21 -6.17 13.08
N TYR A 40 -10.76 -7.41 12.93
CA TYR A 40 -9.66 -7.75 12.00
C TYR A 40 -10.08 -8.81 10.97
N CYS A 41 -9.48 -8.67 9.79
CA CYS A 41 -9.51 -9.65 8.69
C CYS A 41 -8.08 -9.83 8.19
N VAL A 42 -7.34 -10.78 8.76
CA VAL A 42 -5.96 -11.10 8.32
C VAL A 42 -5.95 -12.54 7.82
N ILE A 43 -4.86 -12.94 7.16
CA ILE A 43 -4.67 -14.29 6.56
C ILE A 43 -3.90 -15.19 7.53
N ASP A 44 -2.75 -14.76 8.01
CA ASP A 44 -1.88 -15.69 8.75
C ASP A 44 -2.15 -15.54 10.25
N PRO A 45 -2.04 -16.64 11.02
CA PRO A 45 -2.36 -16.61 12.44
C PRO A 45 -1.31 -15.97 13.37
N ALA A 46 -0.03 -15.86 12.97
CA ALA A 46 0.96 -15.08 13.75
C ALA A 46 0.52 -13.60 13.81
N THR A 47 0.19 -12.99 12.68
CA THR A 47 -0.39 -11.62 12.61
C THR A 47 -1.61 -11.51 13.54
N GLU A 48 -2.56 -12.45 13.43
CA GLU A 48 -3.77 -12.52 14.30
C GLU A 48 -3.37 -12.58 15.78
N ALA A 49 -2.49 -13.51 16.15
CA ALA A 49 -2.06 -13.67 17.55
C ALA A 49 -1.41 -12.37 18.02
N PHE A 50 -0.50 -11.82 17.22
CA PHE A 50 0.15 -10.51 17.48
C PHE A 50 -0.93 -9.47 17.83
N ILE A 51 -1.94 -9.30 16.97
CA ILE A 51 -3.01 -8.28 17.18
C ILE A 51 -3.68 -8.53 18.54
N LEU A 52 -3.92 -9.80 18.91
CA LEU A 52 -4.71 -10.14 20.13
C LEU A 52 -3.91 -9.75 21.38
N THR A 53 -2.57 -9.74 21.31
CA THR A 53 -1.70 -9.30 22.43
C THR A 53 -1.81 -7.78 22.61
N LYS A 54 -2.30 -7.05 21.60
CA LYS A 54 -2.24 -5.56 21.58
C LYS A 54 -3.55 -4.95 22.09
N ASN A 55 -4.65 -5.70 22.05
CA ASN A 55 -5.98 -5.20 22.46
C ASN A 55 -6.80 -6.38 23.00
N LYS A 56 -7.57 -6.14 24.07
CA LYS A 56 -8.47 -7.13 24.68
C LYS A 56 -9.62 -7.44 23.73
N ASN A 57 -10.31 -6.40 23.23
CA ASN A 57 -11.66 -6.51 22.60
C ASN A 57 -11.60 -6.68 21.09
N CYS A 58 -11.06 -7.80 20.59
CA CYS A 58 -10.95 -8.07 19.12
C CYS A 58 -12.06 -9.02 18.67
N VAL A 59 -12.53 -8.85 17.44
CA VAL A 59 -13.45 -9.80 16.74
C VAL A 59 -12.83 -10.16 15.39
N ASP A 60 -12.69 -11.46 15.11
CA ASP A 60 -12.25 -11.94 13.79
C ASP A 60 -13.40 -11.80 12.78
N LEU A 61 -13.24 -10.98 11.76
CA LEU A 61 -14.25 -10.79 10.70
C LEU A 61 -14.20 -11.95 9.72
N TYR A 62 -13.17 -12.79 9.76
CA TYR A 62 -13.02 -13.89 8.77
C TYR A 62 -14.17 -14.89 8.93
N GLN A 63 -14.75 -14.97 10.13
CA GLN A 63 -15.84 -15.92 10.45
C GLN A 63 -17.15 -15.53 9.74
N TYR A 64 -17.24 -14.40 9.01
CA TYR A 64 -18.50 -13.98 8.31
C TYR A 64 -18.43 -14.35 6.84
N TYR A 65 -17.36 -15.04 6.45
CA TYR A 65 -17.26 -15.79 5.17
C TYR A 65 -17.88 -17.18 5.37
N ASP A 66 -18.24 -17.83 4.27
CA ASP A 66 -18.78 -19.21 4.26
C ASP A 66 -18.85 -19.78 2.84
N ASN A 67 -18.89 -21.12 2.75
CA ASN A 67 -19.01 -21.88 1.48
C ASN A 67 -20.32 -21.45 0.82
N GLY A 68 -20.28 -21.08 -0.46
CA GLY A 68 -21.48 -20.75 -1.26
C GLY A 68 -22.09 -19.42 -0.87
N LYS A 69 -21.51 -18.71 0.10
CA LYS A 69 -22.02 -17.41 0.61
C LYS A 69 -21.37 -16.28 -0.20
N SER A 70 -22.23 -15.48 -0.81
CA SER A 70 -21.86 -14.32 -1.64
C SER A 70 -21.02 -13.35 -0.78
N ARG A 71 -19.92 -12.84 -1.33
CA ARG A 71 -18.97 -12.01 -0.57
C ARG A 71 -19.63 -10.68 -0.20
N LEU A 72 -20.57 -10.17 -1.02
CA LEU A 72 -21.29 -8.92 -0.72
C LEU A 72 -21.97 -9.06 0.64
N ASN A 73 -22.60 -10.20 0.89
CA ASN A 73 -23.21 -10.50 2.21
C ASN A 73 -22.15 -10.37 3.29
N THR A 74 -21.07 -11.16 3.17
CA THR A 74 -19.92 -11.10 4.12
C THR A 74 -19.50 -9.63 4.30
N TYR A 75 -19.31 -8.88 3.21
CA TYR A 75 -18.76 -7.49 3.32
C TYR A 75 -19.77 -6.57 4.01
N THR A 76 -21.07 -6.67 3.69
CA THR A 76 -22.09 -5.88 4.40
C THR A 76 -21.99 -6.21 5.89
N GLN A 77 -21.85 -7.49 6.24
CA GLN A 77 -21.88 -7.94 7.65
C GLN A 77 -20.67 -7.37 8.41
N MET A 78 -19.47 -7.46 7.82
CA MET A 78 -18.20 -6.93 8.38
C MET A 78 -18.37 -5.44 8.65
N SER A 79 -18.88 -4.74 7.64
CA SER A 79 -19.03 -3.27 7.61
C SER A 79 -20.00 -2.84 8.72
N GLU A 80 -21.13 -3.55 8.87
CA GLU A 80 -22.17 -3.30 9.91
C GLU A 80 -21.64 -3.59 11.32
N LEU A 81 -20.90 -4.66 11.53
CA LEU A 81 -20.38 -4.97 12.88
C LEU A 81 -19.55 -3.79 13.39
N MET A 82 -18.80 -3.13 12.51
CA MET A 82 -17.89 -2.02 12.89
C MET A 82 -18.74 -0.79 13.17
N VAL A 83 -19.62 -0.46 12.23
CA VAL A 83 -20.47 0.76 12.31
C VAL A 83 -21.33 0.71 13.59
N ARG A 84 -21.87 -0.46 13.96
CA ARG A 84 -22.73 -0.59 15.16
C ARG A 84 -21.97 -0.11 16.39
N GLU A 85 -20.70 -0.50 16.56
CA GLU A 85 -19.93 -0.15 17.79
C GLU A 85 -19.58 1.34 17.73
N VAL A 86 -19.48 1.89 16.52
CA VAL A 86 -19.28 3.35 16.32
C VAL A 86 -20.52 4.08 16.88
N ARG A 87 -21.71 3.56 16.62
CA ARG A 87 -22.99 4.23 17.02
C ARG A 87 -23.17 4.13 18.54
N LYS A 88 -22.49 3.22 19.23
CA LYS A 88 -22.56 3.10 20.71
C LYS A 88 -21.63 4.13 21.35
N GLY A 89 -20.94 4.94 20.53
CA GLY A 89 -20.05 6.04 20.98
C GLY A 89 -18.60 5.62 21.09
N LEU A 90 -18.28 4.37 20.70
CA LEU A 90 -16.93 3.76 20.88
C LEU A 90 -15.96 4.20 19.77
N ASP A 91 -14.67 4.29 20.11
CA ASP A 91 -13.57 4.41 19.12
C ASP A 91 -13.25 3.02 18.58
N VAL A 92 -13.74 2.73 17.36
CA VAL A 92 -13.62 1.41 16.67
C VAL A 92 -12.42 1.46 15.71
N VAL A 93 -11.54 0.46 15.80
CA VAL A 93 -10.45 0.23 14.80
C VAL A 93 -10.75 -1.04 14.00
N GLY A 94 -10.92 -0.90 12.69
CA GLY A 94 -10.95 -2.01 11.72
C GLY A 94 -9.54 -2.32 11.23
N VAL A 95 -9.20 -3.59 11.03
CA VAL A 95 -7.85 -4.04 10.57
C VAL A 95 -8.04 -4.97 9.38
N PHE A 96 -7.43 -4.66 8.24
CA PHE A 96 -7.44 -5.50 7.02
C PHE A 96 -5.99 -5.75 6.58
N TYR A 97 -5.71 -6.94 6.07
CA TYR A 97 -4.33 -7.27 5.63
C TYR A 97 -4.01 -6.37 4.45
N GLY A 98 -2.73 -6.07 4.32
CA GLY A 98 -2.19 -5.20 3.25
C GLY A 98 -2.53 -3.75 3.55
N HIS A 99 -3.04 -3.06 2.54
CA HIS A 99 -3.62 -1.69 2.61
C HIS A 99 -5.12 -1.87 2.77
N PRO A 100 -5.73 -1.31 3.83
CA PRO A 100 -7.15 -1.57 4.12
C PRO A 100 -8.12 -1.03 3.07
N GLY A 101 -7.67 -0.24 2.10
CA GLY A 101 -8.49 0.39 1.05
C GLY A 101 -8.16 -0.09 -0.36
N VAL A 102 -7.27 -1.07 -0.51
CA VAL A 102 -6.83 -1.56 -1.84
C VAL A 102 -7.49 -2.93 -2.08
N PHE A 103 -8.41 -2.99 -3.04
CA PHE A 103 -9.27 -4.18 -3.27
C PHE A 103 -9.90 -4.59 -1.92
N VAL A 104 -10.64 -3.68 -1.31
CA VAL A 104 -11.38 -3.92 -0.05
C VAL A 104 -12.66 -3.10 -0.07
N ASN A 105 -13.79 -3.79 -0.17
CA ASN A 105 -15.14 -3.19 -0.12
C ASN A 105 -15.47 -2.76 1.31
N PRO A 106 -15.42 -3.65 2.34
CA PRO A 106 -16.04 -3.35 3.63
C PRO A 106 -15.45 -2.15 4.38
N SER A 107 -14.21 -1.78 4.11
CA SER A 107 -13.50 -0.63 4.74
C SER A 107 -14.07 0.68 4.20
N HIS A 108 -14.00 0.89 2.88
CA HIS A 108 -14.67 2.03 2.19
C HIS A 108 -16.14 2.05 2.63
N ARG A 109 -16.82 0.89 2.64
CA ARG A 109 -18.25 0.82 3.01
C ARG A 109 -18.46 1.38 4.42
N ALA A 110 -17.75 0.86 5.42
CA ALA A 110 -17.96 1.21 6.84
C ALA A 110 -17.61 2.68 7.07
N LEU A 111 -16.57 3.21 6.40
CA LEU A 111 -16.17 4.63 6.59
C LEU A 111 -17.23 5.57 6.00
N ALA A 112 -17.81 5.25 4.83
CA ALA A 112 -18.75 6.14 4.10
C ALA A 112 -20.04 6.28 4.93
N ILE A 113 -20.54 5.15 5.43
CA ILE A 113 -21.64 5.05 6.43
C ILE A 113 -21.28 5.88 7.68
N ALA A 114 -20.13 5.63 8.32
CA ALA A 114 -19.72 6.36 9.53
C ALA A 114 -19.69 7.87 9.25
N LYS A 115 -19.13 8.27 8.10
CA LYS A 115 -18.98 9.67 7.65
C LYS A 115 -20.37 10.28 7.42
N SER A 116 -21.25 9.60 6.68
CA SER A 116 -22.63 10.07 6.32
C SER A 116 -23.54 10.22 7.55
N GLU A 117 -23.15 9.70 8.72
CA GLU A 117 -23.90 9.84 10.01
C GLU A 117 -23.13 10.77 10.96
N GLY A 118 -22.09 11.46 10.48
CA GLY A 118 -21.33 12.47 11.24
C GLY A 118 -20.46 11.89 12.36
N TYR A 119 -19.70 10.83 12.11
CA TYR A 119 -18.67 10.31 13.04
C TYR A 119 -17.30 10.51 12.37
N ARG A 120 -16.26 10.85 13.16
CA ARG A 120 -14.84 10.80 12.73
C ARG A 120 -14.61 9.46 12.03
N ALA A 121 -14.10 9.47 10.80
CA ALA A 121 -13.96 8.30 9.90
C ALA A 121 -12.65 8.41 9.12
N ARG A 122 -11.66 7.59 9.45
CA ARG A 122 -10.30 7.71 8.84
C ARG A 122 -9.77 6.35 8.38
N MET A 123 -9.16 6.32 7.21
CA MET A 123 -8.32 5.19 6.73
C MET A 123 -6.84 5.54 6.85
N LEU A 124 -6.05 4.73 7.54
CA LEU A 124 -4.56 4.81 7.47
C LEU A 124 -4.08 3.88 6.37
N PRO A 125 -3.17 4.34 5.49
CA PRO A 125 -2.68 3.50 4.41
C PRO A 125 -1.76 2.42 4.98
N GLY A 126 -1.57 1.35 4.22
CA GLY A 126 -0.63 0.26 4.51
C GLY A 126 0.04 -0.27 3.24
N VAL A 127 0.93 -1.24 3.42
CA VAL A 127 1.73 -1.86 2.33
C VAL A 127 0.83 -2.83 1.59
N SER A 128 0.55 -2.56 0.32
CA SER A 128 -0.35 -3.43 -0.48
C SER A 128 0.46 -4.57 -1.10
N ALA A 129 -0.22 -5.52 -1.71
CA ALA A 129 0.36 -6.61 -2.51
C ALA A 129 1.09 -6.01 -3.72
N GLU A 130 0.59 -4.90 -4.27
CA GLU A 130 1.23 -4.20 -5.42
C GLU A 130 2.52 -3.56 -4.92
N ASP A 131 2.51 -3.00 -3.71
CA ASP A 131 3.73 -2.45 -3.07
C ASP A 131 4.78 -3.56 -3.00
N CYS A 132 4.38 -4.76 -2.57
CA CYS A 132 5.28 -5.93 -2.44
C CYS A 132 5.79 -6.35 -3.84
N LEU A 133 4.89 -6.39 -4.82
CA LEU A 133 5.16 -6.78 -6.22
C LEU A 133 6.34 -5.95 -6.75
N PHE A 134 6.24 -4.63 -6.61
CA PHE A 134 7.27 -3.65 -7.06
C PHE A 134 8.60 -3.97 -6.39
N ALA A 135 8.61 -4.17 -5.06
CA ALA A 135 9.84 -4.49 -4.29
C ALA A 135 10.43 -5.82 -4.78
N ASP A 136 9.62 -6.86 -4.91
CA ASP A 136 10.07 -8.27 -5.10
C ASP A 136 10.50 -8.54 -6.54
N LEU A 137 9.76 -8.00 -7.53
CA LEU A 137 10.04 -8.09 -8.99
C LEU A 137 10.98 -6.96 -9.45
N CYS A 138 11.43 -6.10 -8.54
CA CYS A 138 12.33 -4.95 -8.83
C CYS A 138 11.81 -4.12 -10.01
N ILE A 139 10.60 -3.57 -9.93
CA ILE A 139 10.08 -2.59 -10.93
C ILE A 139 9.62 -1.32 -10.19
N ASP A 140 9.44 -0.26 -10.95
CA ASP A 140 9.02 1.10 -10.54
C ASP A 140 7.82 1.49 -11.39
N PRO A 141 6.63 1.73 -10.80
CA PRO A 141 5.45 2.09 -11.58
C PRO A 141 5.76 3.24 -12.55
N SER A 142 6.54 4.23 -12.13
CA SER A 142 6.87 5.47 -12.90
C SER A 142 7.41 5.10 -14.27
N ASN A 143 8.23 4.05 -14.33
CA ASN A 143 8.97 3.59 -15.55
C ASN A 143 8.58 2.15 -15.92
N PRO A 144 7.74 1.92 -16.95
CA PRO A 144 7.17 2.97 -17.81
C PRO A 144 5.67 3.27 -17.65
N GLY A 145 5.22 3.46 -16.40
CA GLY A 145 3.80 3.69 -16.05
C GLY A 145 3.15 2.40 -15.57
N CYS A 146 2.00 2.49 -14.90
CA CYS A 146 1.32 1.30 -14.31
C CYS A 146 -0.20 1.35 -14.48
N LEU A 147 -0.75 0.30 -15.09
CA LEU A 147 -2.20 -0.01 -15.15
C LEU A 147 -2.48 -1.12 -14.14
N THR A 148 -3.39 -0.87 -13.19
CA THR A 148 -3.77 -1.86 -12.13
C THR A 148 -5.28 -2.12 -12.21
N TYR A 149 -5.67 -3.38 -12.34
CA TYR A 149 -7.09 -3.83 -12.49
C TYR A 149 -7.36 -5.08 -11.65
N GLU A 150 -8.61 -5.23 -11.18
CA GLU A 150 -9.19 -6.51 -10.73
C GLU A 150 -9.47 -7.37 -11.97
N ALA A 151 -8.96 -8.61 -12.00
CA ALA A 151 -8.93 -9.50 -13.19
C ALA A 151 -10.30 -9.57 -13.91
N SER A 152 -11.39 -9.66 -13.15
CA SER A 152 -12.76 -9.86 -13.69
C SER A 152 -13.31 -8.55 -14.25
N ASP A 153 -13.09 -7.44 -13.53
CA ASP A 153 -13.51 -6.09 -13.98
C ASP A 153 -12.79 -5.79 -15.30
N PHE A 154 -11.51 -6.14 -15.39
CA PHE A 154 -10.67 -6.05 -16.61
C PHE A 154 -11.40 -6.73 -17.77
N LEU A 155 -11.89 -7.95 -17.56
CA LEU A 155 -12.59 -8.76 -18.59
C LEU A 155 -13.97 -8.17 -18.86
N ILE A 156 -14.76 -7.92 -17.81
CA ILE A 156 -16.21 -7.57 -17.91
C ILE A 156 -16.40 -6.18 -18.58
N ARG A 157 -15.59 -5.16 -18.23
CA ARG A 157 -15.70 -3.82 -18.88
C ARG A 157 -14.60 -3.66 -19.94
N ASP A 158 -13.93 -4.74 -20.31
CA ASP A 158 -13.06 -4.75 -21.51
C ASP A 158 -12.06 -3.58 -21.36
N ARG A 159 -11.53 -3.41 -20.14
CA ARG A 159 -10.65 -2.28 -19.75
C ARG A 159 -9.43 -2.27 -20.67
N PRO A 160 -9.00 -1.09 -21.16
CA PRO A 160 -7.87 -1.00 -22.07
C PRO A 160 -6.54 -1.38 -21.38
N VAL A 161 -5.73 -2.18 -22.09
CA VAL A 161 -4.30 -2.44 -21.76
C VAL A 161 -3.44 -1.43 -22.51
N SER A 162 -2.23 -1.19 -22.02
CA SER A 162 -1.12 -0.51 -22.71
C SER A 162 0.06 -1.47 -22.78
N ILE A 163 0.50 -1.82 -23.98
CA ILE A 163 1.67 -2.73 -24.21
C ILE A 163 2.98 -2.00 -23.85
N HIS A 164 2.94 -0.69 -23.60
CA HIS A 164 4.13 0.18 -23.30
C HIS A 164 4.26 0.45 -21.79
N SER A 165 3.28 0.04 -20.99
CA SER A 165 3.27 0.24 -19.52
C SER A 165 3.05 -1.09 -18.81
N HIS A 166 3.56 -1.18 -17.57
CA HIS A 166 3.29 -2.26 -16.57
C HIS A 166 1.80 -2.59 -16.55
N LEU A 167 1.46 -3.87 -16.41
CA LEU A 167 0.08 -4.32 -16.09
C LEU A 167 0.09 -5.17 -14.82
N VAL A 168 -0.71 -4.81 -13.83
CA VAL A 168 -0.90 -5.62 -12.59
C VAL A 168 -2.37 -6.05 -12.52
N LEU A 169 -2.59 -7.36 -12.39
CA LEU A 169 -3.93 -7.99 -12.30
C LEU A 169 -4.08 -8.69 -10.94
N PHE A 170 -4.99 -8.16 -10.10
CA PHE A 170 -5.40 -8.74 -8.80
C PHE A 170 -6.52 -9.76 -9.05
N GLN A 171 -6.64 -10.75 -8.16
CA GLN A 171 -7.77 -11.72 -8.12
C GLN A 171 -7.88 -12.47 -9.46
N VAL A 172 -6.74 -12.96 -9.95
CA VAL A 172 -6.65 -13.82 -11.15
C VAL A 172 -7.08 -15.24 -10.75
N GLY A 173 -7.12 -15.53 -9.44
CA GLY A 173 -7.45 -16.86 -8.89
C GLY A 173 -8.94 -17.08 -8.73
N CYS A 174 -9.79 -16.08 -9.01
CA CYS A 174 -11.26 -16.18 -8.87
C CYS A 174 -12.02 -15.41 -9.95
N VAL A 175 -11.69 -15.66 -11.21
CA VAL A 175 -12.39 -15.05 -12.37
C VAL A 175 -13.87 -15.46 -12.32
N GLY A 176 -14.76 -14.46 -12.25
CA GLY A 176 -16.22 -14.61 -12.34
C GLY A 176 -16.88 -15.06 -11.04
N ILE A 177 -16.11 -15.37 -10.00
CA ILE A 177 -16.60 -15.99 -8.73
C ILE A 177 -17.02 -14.90 -7.74
N ALA A 178 -18.32 -14.84 -7.42
CA ALA A 178 -18.95 -13.88 -6.49
C ALA A 178 -19.00 -14.43 -5.06
N ASP A 179 -18.61 -15.69 -4.85
CA ASP A 179 -18.80 -16.39 -3.55
C ASP A 179 -17.44 -16.81 -2.98
N PHE A 180 -17.47 -17.74 -2.03
CA PHE A 180 -16.34 -18.06 -1.15
C PHE A 180 -16.38 -19.57 -0.87
N ASN A 181 -15.22 -20.17 -0.66
CA ASN A 181 -15.10 -21.59 -0.28
C ASN A 181 -13.78 -21.79 0.48
N PHE A 182 -13.84 -22.51 1.62
CA PHE A 182 -12.70 -22.65 2.57
C PHE A 182 -11.62 -23.56 1.97
N THR A 183 -11.98 -24.40 0.99
CA THR A 183 -11.08 -25.29 0.21
C THR A 183 -10.92 -24.72 -1.20
N GLY A 184 -10.81 -23.38 -1.33
CA GLY A 184 -10.62 -22.63 -2.59
C GLY A 184 -11.64 -22.96 -3.68
N PHE A 185 -11.31 -22.65 -4.95
CA PHE A 185 -12.14 -22.87 -6.16
C PHE A 185 -11.28 -23.38 -7.33
N ASP A 186 -11.93 -23.88 -8.38
CA ASP A 186 -11.25 -24.43 -9.58
C ASP A 186 -10.76 -23.27 -10.47
N ASN A 187 -11.50 -22.16 -10.50
CA ASN A 187 -11.18 -20.97 -11.34
C ASN A 187 -11.33 -21.43 -12.80
N ASN A 188 -12.50 -22.01 -13.12
CA ASN A 188 -12.81 -22.61 -14.44
C ASN A 188 -12.79 -21.55 -15.55
N LYS A 189 -13.08 -20.29 -15.23
CA LYS A 189 -13.14 -19.17 -16.22
C LYS A 189 -11.74 -18.59 -16.47
N PHE A 190 -10.69 -19.17 -15.87
CA PHE A 190 -9.29 -18.70 -15.99
C PHE A 190 -8.91 -18.56 -17.46
N GLY A 191 -9.16 -19.62 -18.25
CA GLY A 191 -8.98 -19.65 -19.70
C GLY A 191 -9.52 -18.42 -20.38
N VAL A 192 -10.61 -17.82 -19.88
CA VAL A 192 -11.24 -16.58 -20.45
C VAL A 192 -10.23 -15.43 -20.36
N LEU A 193 -9.61 -15.25 -19.18
CA LEU A 193 -8.53 -14.24 -18.99
C LEU A 193 -7.39 -14.56 -19.96
N VAL A 194 -6.92 -15.81 -19.97
CA VAL A 194 -5.77 -16.26 -20.82
C VAL A 194 -6.05 -15.89 -22.29
N ASP A 195 -7.32 -15.96 -22.73
CA ASP A 195 -7.74 -15.58 -24.11
C ASP A 195 -7.56 -14.07 -24.31
N ARG A 196 -8.00 -13.27 -23.33
CA ARG A 196 -7.92 -11.80 -23.39
C ARG A 196 -6.44 -11.40 -23.46
N LEU A 197 -5.58 -12.07 -22.67
CA LEU A 197 -4.12 -11.76 -22.62
C LEU A 197 -3.48 -12.06 -23.98
N GLU A 198 -3.81 -13.18 -24.61
CA GLU A 198 -3.21 -13.61 -25.91
C GLU A 198 -3.60 -12.61 -27.00
N GLN A 199 -4.87 -12.20 -27.00
CA GLN A 199 -5.49 -11.20 -27.93
C GLN A 199 -4.74 -9.86 -27.90
N GLU A 200 -4.24 -9.46 -26.71
CA GLU A 200 -3.73 -8.09 -26.37
C GLU A 200 -2.19 -8.07 -26.35
N TYR A 201 -1.56 -9.21 -26.10
CA TYR A 201 -0.10 -9.32 -25.84
C TYR A 201 0.52 -10.40 -26.74
N GLY A 202 -0.14 -11.56 -26.91
CA GLY A 202 0.31 -12.66 -27.80
C GLY A 202 0.87 -13.84 -27.01
N ALA A 203 0.83 -15.04 -27.60
CA ALA A 203 1.10 -16.34 -26.94
C ALA A 203 2.45 -16.36 -26.22
N GLU A 204 3.49 -15.76 -26.82
CA GLU A 204 4.91 -15.84 -26.34
C GLU A 204 5.17 -14.77 -25.26
N HIS A 205 4.28 -13.78 -25.13
CA HIS A 205 4.44 -12.63 -24.20
C HIS A 205 4.57 -13.13 -22.75
N PRO A 206 5.51 -12.59 -21.96
CA PRO A 206 5.72 -13.04 -20.58
C PRO A 206 4.57 -12.62 -19.63
N VAL A 207 4.23 -13.50 -18.69
CA VAL A 207 3.30 -13.24 -17.55
C VAL A 207 3.97 -13.75 -16.28
N VAL A 208 4.15 -12.89 -15.29
CA VAL A 208 4.82 -13.28 -14.03
C VAL A 208 3.74 -13.64 -12.99
N HIS A 209 3.81 -14.86 -12.47
CA HIS A 209 2.94 -15.33 -11.37
C HIS A 209 3.60 -14.84 -10.09
N TYR A 210 2.96 -13.88 -9.42
CA TYR A 210 3.50 -13.24 -8.20
C TYR A 210 2.65 -13.64 -7.00
N ILE A 211 3.32 -14.27 -6.02
CA ILE A 211 2.83 -14.40 -4.62
C ILE A 211 3.91 -13.90 -3.66
N ALA A 212 3.60 -12.84 -2.92
CA ALA A 212 4.51 -12.27 -1.89
C ALA A 212 4.58 -13.30 -0.78
N ALA A 213 5.76 -13.59 -0.28
CA ALA A 213 5.94 -14.39 0.94
C ALA A 213 5.01 -13.83 1.99
N MET A 214 4.27 -14.70 2.68
CA MET A 214 3.42 -14.27 3.80
C MET A 214 4.20 -14.35 5.10
N MET A 215 5.17 -15.23 5.22
CA MET A 215 5.89 -15.43 6.49
C MET A 215 7.32 -14.93 6.33
N PRO A 216 7.95 -14.39 7.40
CA PRO A 216 9.26 -13.76 7.31
C PRO A 216 10.33 -14.62 6.63
N HIS A 217 10.29 -15.94 6.81
CA HIS A 217 11.34 -16.90 6.38
C HIS A 217 11.12 -17.37 4.93
N GLN A 218 9.95 -17.13 4.35
CA GLN A 218 9.56 -17.70 3.04
C GLN A 218 10.06 -16.82 1.90
N ASP A 219 10.10 -17.34 0.69
CA ASP A 219 10.52 -16.60 -0.52
C ASP A 219 9.28 -16.25 -1.31
N PRO A 220 9.28 -15.14 -2.06
CA PRO A 220 8.16 -14.88 -2.96
C PRO A 220 8.13 -15.92 -4.09
N VAL A 221 6.97 -16.10 -4.70
CA VAL A 221 6.84 -16.73 -6.05
C VAL A 221 6.91 -15.60 -7.08
N THR A 222 7.86 -15.71 -8.00
CA THR A 222 8.13 -14.75 -9.10
C THR A 222 8.35 -15.56 -10.39
N ASP A 223 7.43 -16.47 -10.70
CA ASP A 223 7.52 -17.46 -11.82
C ASP A 223 6.99 -16.84 -13.12
N LYS A 224 7.88 -16.63 -14.10
CA LYS A 224 7.50 -16.18 -15.46
C LYS A 224 6.91 -17.36 -16.25
N TYR A 225 5.84 -17.11 -16.99
CA TYR A 225 5.18 -18.04 -17.95
C TYR A 225 4.87 -17.26 -19.22
N THR A 226 4.72 -17.96 -20.35
CA THR A 226 4.09 -17.41 -21.57
C THR A 226 2.57 -17.39 -21.34
N VAL A 227 1.85 -16.47 -22.00
CA VAL A 227 0.36 -16.42 -21.98
C VAL A 227 -0.19 -17.82 -22.34
N ALA A 228 0.44 -18.51 -23.29
CA ALA A 228 0.03 -19.83 -23.81
C ALA A 228 0.26 -20.92 -22.74
N GLN A 229 1.34 -20.83 -21.96
CA GLN A 229 1.67 -21.79 -20.87
C GLN A 229 0.55 -21.81 -19.83
N LEU A 230 -0.21 -20.72 -19.69
CA LEU A 230 -1.29 -20.59 -18.65
C LEU A 230 -2.48 -21.51 -18.98
N ARG A 231 -2.47 -22.23 -20.12
CA ARG A 231 -3.54 -23.19 -20.51
C ARG A 231 -3.19 -24.60 -20.03
N GLU A 232 -1.91 -24.89 -19.81
CA GLU A 232 -1.41 -26.15 -19.19
C GLU A 232 -2.05 -26.34 -17.82
N PRO A 233 -2.82 -27.43 -17.58
CA PRO A 233 -3.47 -27.65 -16.29
C PRO A 233 -2.55 -27.54 -15.07
N GLU A 234 -1.32 -28.05 -15.19
CA GLU A 234 -0.30 -28.13 -14.09
C GLU A 234 0.06 -26.70 -13.65
N ILE A 235 0.09 -25.78 -14.61
CA ILE A 235 0.48 -24.34 -14.45
C ILE A 235 -0.73 -23.57 -13.88
N ALA A 236 -1.87 -23.63 -14.57
CA ALA A 236 -3.15 -22.95 -14.22
C ALA A 236 -3.52 -23.25 -12.76
N LYS A 237 -3.22 -24.46 -12.29
CA LYS A 237 -3.61 -24.95 -10.94
C LYS A 237 -2.73 -24.31 -9.85
N ARG A 238 -1.62 -23.69 -10.23
CA ARG A 238 -0.72 -23.01 -9.24
C ARG A 238 -1.29 -21.64 -8.86
N VAL A 239 -2.09 -21.03 -9.73
CA VAL A 239 -2.86 -19.77 -9.48
C VAL A 239 -3.88 -20.02 -8.39
N GLY A 240 -3.97 -19.14 -7.39
CA GLY A 240 -4.93 -19.23 -6.27
C GLY A 240 -5.41 -17.86 -5.82
N GLY A 241 -6.04 -17.81 -4.64
CA GLY A 241 -6.72 -16.62 -4.11
C GLY A 241 -5.76 -15.49 -3.77
N VAL A 242 -4.48 -15.78 -3.53
CA VAL A 242 -3.44 -14.75 -3.23
C VAL A 242 -2.45 -14.63 -4.41
N SER A 243 -2.88 -14.98 -5.63
CA SER A 243 -2.05 -14.84 -6.85
C SER A 243 -2.34 -13.51 -7.51
N THR A 244 -1.28 -12.79 -7.87
CA THR A 244 -1.33 -11.53 -8.66
C THR A 244 -0.50 -11.78 -9.92
N PHE A 245 -0.96 -11.31 -11.08
CA PHE A 245 -0.18 -11.34 -12.34
C PHE A 245 0.45 -9.96 -12.60
N TYR A 246 1.73 -9.98 -12.98
CA TYR A 246 2.47 -8.84 -13.57
C TYR A 246 2.76 -9.16 -15.05
N ILE A 247 2.26 -8.32 -15.94
CA ILE A 247 2.50 -8.42 -17.41
C ILE A 247 3.35 -7.22 -17.84
N PRO A 248 4.67 -7.42 -18.09
CA PRO A 248 5.54 -6.31 -18.47
C PRO A 248 5.13 -5.75 -19.83
N PRO A 249 5.67 -4.57 -20.20
CA PRO A 249 5.47 -4.02 -21.53
C PRO A 249 6.07 -4.90 -22.63
N LYS A 250 5.49 -4.81 -23.83
CA LYS A 250 5.95 -5.55 -25.03
C LYS A 250 7.03 -4.72 -25.75
N ALA A 251 6.99 -3.39 -25.66
CA ALA A 251 7.94 -2.47 -26.34
C ALA A 251 8.03 -1.12 -25.62
N ARG A 252 9.21 -0.51 -25.65
CA ARG A 252 9.43 0.93 -25.38
C ARG A 252 8.62 1.74 -26.39
N LYS A 253 8.01 2.84 -25.95
CA LYS A 253 7.18 3.76 -26.78
C LYS A 253 8.06 4.92 -27.24
N ALA A 254 8.08 5.19 -28.54
CA ALA A 254 8.80 6.34 -29.15
C ALA A 254 8.44 7.59 -28.35
N SER A 255 9.42 8.47 -28.16
CA SER A 255 9.24 9.79 -27.52
C SER A 255 8.58 10.73 -28.53
N ASN A 256 7.81 11.72 -28.07
CA ASN A 256 6.98 12.65 -28.89
C ASN A 256 7.80 13.91 -29.20
N LEU A 257 8.00 14.21 -30.50
CA LEU A 257 8.86 15.31 -31.01
C LEU A 257 8.32 16.67 -30.52
N ASP A 258 7.01 16.88 -30.70
CA ASP A 258 6.26 18.15 -30.41
C ASP A 258 6.38 18.50 -28.92
N ILE A 259 6.20 17.50 -28.04
CA ILE A 259 6.18 17.71 -26.56
C ILE A 259 7.60 17.98 -26.04
N ILE A 260 8.62 17.31 -26.59
CA ILE A 260 10.07 17.57 -26.31
C ILE A 260 10.40 19.06 -26.53
N ARG A 261 9.94 19.65 -27.65
CA ARG A 261 10.17 21.09 -28.01
C ARG A 261 9.59 22.02 -26.94
N ARG A 262 8.29 21.89 -26.68
CA ARG A 262 7.55 22.75 -25.72
C ARG A 262 8.23 22.68 -24.35
N LEU A 263 8.86 21.54 -24.02
CA LEU A 263 9.57 21.32 -22.73
C LEU A 263 11.03 21.82 -22.81
N GLU A 264 11.52 22.16 -24.01
CA GLU A 264 12.90 22.66 -24.26
C GLU A 264 13.93 21.61 -23.80
N LEU A 265 13.73 20.35 -24.15
CA LEU A 265 14.77 19.29 -24.08
C LEU A 265 15.53 19.29 -25.41
N ARG A 277 17.52 4.19 -22.45
CA ARG A 277 17.09 3.61 -21.15
C ARG A 277 17.92 4.21 -19.99
N ILE A 278 17.29 4.42 -18.84
CA ILE A 278 17.98 4.61 -17.51
C ILE A 278 18.23 3.22 -16.92
N TYR A 279 19.41 2.98 -16.34
CA TYR A 279 19.76 1.75 -15.58
C TYR A 279 18.94 1.73 -14.29
N PRO A 280 18.45 0.56 -13.81
CA PRO A 280 18.55 -0.73 -14.51
C PRO A 280 17.41 -0.96 -15.51
N ALA A 281 17.61 -1.93 -16.43
CA ALA A 281 16.56 -2.43 -17.33
C ALA A 281 15.51 -3.18 -16.48
N ASN A 282 14.27 -3.16 -16.93
CA ASN A 282 13.19 -4.04 -16.40
C ASN A 282 13.45 -5.48 -16.88
N GLN A 283 13.85 -6.35 -15.95
CA GLN A 283 14.40 -7.71 -16.25
C GLN A 283 13.31 -8.65 -16.76
N TRP A 284 12.03 -8.37 -16.49
CA TRP A 284 10.89 -9.21 -16.92
C TRP A 284 10.47 -8.85 -18.35
N GLU A 285 10.97 -7.75 -18.90
CA GLU A 285 10.62 -7.29 -20.27
C GLU A 285 11.27 -8.24 -21.29
N PRO A 286 10.53 -8.63 -22.37
CA PRO A 286 11.10 -9.48 -23.42
C PRO A 286 12.13 -8.73 -24.28
N ASP A 287 13.13 -9.46 -24.78
CA ASP A 287 14.19 -8.93 -25.69
C ASP A 287 14.70 -7.62 -25.10
N VAL A 288 14.82 -7.56 -23.77
CA VAL A 288 15.29 -6.34 -23.05
C VAL A 288 16.79 -6.19 -23.34
N PRO A 289 17.23 -5.04 -23.89
CA PRO A 289 18.66 -4.77 -24.04
C PRO A 289 19.36 -4.56 -22.68
N GLU A 290 20.61 -5.03 -22.58
CA GLU A 290 21.53 -4.77 -21.44
C GLU A 290 21.81 -3.27 -21.38
N VAL A 291 21.63 -2.67 -20.20
CA VAL A 291 21.86 -1.23 -19.93
C VAL A 291 23.14 -1.12 -19.09
N GLU A 292 24.00 -0.14 -19.41
CA GLU A 292 25.29 0.08 -18.73
C GLU A 292 25.04 0.91 -17.48
N PRO A 293 25.48 0.45 -16.28
CA PRO A 293 25.42 1.26 -15.06
C PRO A 293 26.37 2.47 -15.06
N TYR A 294 27.63 2.27 -15.50
CA TYR A 294 28.74 3.24 -15.33
C TYR A 294 29.10 3.88 -16.67
N ARG A 295 28.16 4.61 -17.25
CA ARG A 295 28.40 5.51 -18.41
C ARG A 295 29.22 6.73 -17.95
N PRO A 296 29.76 7.55 -18.88
CA PRO A 296 30.58 8.71 -18.52
C PRO A 296 29.99 9.61 -17.42
N SER A 297 28.79 10.15 -17.67
CA SER A 297 28.04 10.99 -16.69
C SER A 297 27.94 10.28 -15.35
N ASP A 298 27.82 8.96 -15.32
CA ASP A 298 27.87 8.18 -14.06
C ASP A 298 29.28 8.26 -13.48
N GLN A 299 30.31 7.98 -14.28
CA GLN A 299 31.74 8.03 -13.87
C GLN A 299 32.12 9.45 -13.38
N ALA A 300 31.66 10.49 -14.09
CA ALA A 300 31.90 11.91 -13.71
C ALA A 300 31.17 12.22 -12.40
N ALA A 301 29.89 11.85 -12.29
CA ALA A 301 29.14 12.01 -11.02
C ALA A 301 29.93 11.39 -9.85
N ILE A 302 30.56 10.23 -10.04
CA ILE A 302 31.21 9.48 -8.93
C ILE A 302 32.55 10.12 -8.61
N ALA A 303 33.25 10.66 -9.62
CA ALA A 303 34.56 11.35 -9.43
C ALA A 303 34.36 12.55 -8.51
N GLN A 304 33.21 13.23 -8.61
CA GLN A 304 32.91 14.44 -7.82
C GLN A 304 32.87 14.10 -6.34
N LEU A 305 32.63 12.84 -5.95
CA LEU A 305 32.44 12.47 -4.52
C LEU A 305 33.68 12.80 -3.69
N ALA A 306 34.87 12.65 -4.28
CA ALA A 306 36.19 12.91 -3.65
C ALA A 306 36.20 14.27 -2.95
N ASP A 307 35.80 15.34 -3.64
CA ASP A 307 35.88 16.75 -3.15
C ASP A 307 34.53 17.24 -2.63
N HIS A 308 33.49 16.40 -2.67
CA HIS A 308 32.11 16.80 -2.31
C HIS A 308 32.09 17.35 -0.88
N ALA A 309 31.55 18.57 -0.73
CA ALA A 309 31.09 19.18 0.53
C ALA A 309 29.58 19.40 0.46
N PRO A 310 28.87 19.44 1.60
CA PRO A 310 27.44 19.75 1.59
C PRO A 310 27.30 21.13 0.97
N PRO A 311 26.35 21.35 0.02
CA PRO A 311 26.12 22.68 -0.54
C PRO A 311 25.76 23.70 0.56
N GLU A 312 25.71 24.98 0.21
CA GLU A 312 25.54 26.03 1.23
C GLU A 312 24.12 25.93 1.77
N GLN A 313 23.16 25.65 0.90
CA GLN A 313 21.70 25.71 1.21
C GLN A 313 21.26 24.39 1.87
N TYR A 314 22.10 23.34 1.88
CA TYR A 314 21.88 22.08 2.65
C TYR A 314 21.74 22.45 4.12
N GLN A 315 20.78 21.87 4.84
CA GLN A 315 20.47 22.25 6.24
C GLN A 315 20.60 21.00 7.14
N PRO A 316 21.73 20.84 7.85
CA PRO A 316 21.95 19.71 8.74
C PRO A 316 20.98 19.61 9.92
N LEU A 317 20.65 18.39 10.34
CA LEU A 317 19.88 18.20 11.59
C LEU A 317 20.65 18.85 12.74
N ALA A 318 19.95 19.64 13.54
CA ALA A 318 20.45 20.34 14.74
C ALA A 318 19.26 20.48 15.72
N THR A 319 18.92 19.38 16.38
CA THR A 319 17.72 19.25 17.25
C THR A 319 18.20 18.67 18.58
N SER A 320 17.27 18.41 19.49
CA SER A 320 17.54 17.96 20.88
C SER A 320 16.79 16.66 21.15
N LYS A 321 17.24 15.90 22.16
CA LYS A 321 16.54 14.69 22.65
C LYS A 321 15.08 15.05 22.97
N ALA A 322 14.85 16.19 23.62
CA ALA A 322 13.50 16.66 24.06
C ALA A 322 12.56 16.81 22.86
N MET A 323 13.01 17.51 21.80
CA MET A 323 12.19 17.79 20.59
C MET A 323 12.01 16.50 19.77
N SER A 324 13.06 15.68 19.71
CA SER A 324 13.08 14.36 19.05
C SER A 324 12.03 13.46 19.71
N ASP A 325 12.09 13.36 21.03
CA ASP A 325 11.16 12.58 21.89
C ASP A 325 9.71 13.02 21.66
N VAL A 326 9.45 14.33 21.60
CA VAL A 326 8.05 14.85 21.55
C VAL A 326 7.49 14.63 20.14
N MET A 327 8.31 14.81 19.12
CA MET A 327 7.88 14.63 17.71
C MET A 327 7.64 13.14 17.45
N THR A 328 8.39 12.27 18.12
CA THR A 328 8.18 10.79 18.12
C THR A 328 6.85 10.48 18.83
N LYS A 329 6.66 11.00 20.05
CA LYS A 329 5.40 10.82 20.81
C LYS A 329 4.21 11.19 19.94
N LEU A 330 4.21 12.36 19.30
CA LEU A 330 3.04 12.80 18.49
C LEU A 330 2.73 11.74 17.44
N ALA A 331 3.75 11.08 16.87
CA ALA A 331 3.60 10.08 15.77
C ALA A 331 3.11 8.73 16.28
N LEU A 332 3.44 8.39 17.54
CA LEU A 332 3.39 7.02 18.14
C LEU A 332 2.38 6.91 19.29
N ASP A 333 1.87 8.04 19.81
CA ASP A 333 1.01 8.10 21.03
C ASP A 333 -0.21 8.94 20.69
N PRO A 334 -1.32 8.32 20.23
CA PRO A 334 -2.46 9.08 19.72
C PRO A 334 -3.12 9.99 20.78
N LYS A 335 -2.85 9.74 22.08
CA LYS A 335 -3.31 10.58 23.22
C LYS A 335 -2.51 11.88 23.25
N ALA A 336 -1.18 11.78 23.13
CA ALA A 336 -0.26 12.94 23.01
C ALA A 336 -0.73 13.78 21.83
N LEU A 337 -1.07 13.13 20.72
CA LEU A 337 -1.48 13.82 19.47
C LEU A 337 -2.80 14.56 19.69
N ALA A 338 -3.75 13.97 20.42
CA ALA A 338 -5.12 14.52 20.58
C ALA A 338 -5.04 15.81 21.41
N ASP A 339 -4.23 15.83 22.47
CA ASP A 339 -3.93 17.05 23.28
C ASP A 339 -3.42 18.14 22.31
N TYR A 340 -2.31 17.82 21.62
CA TYR A 340 -1.61 18.77 20.73
C TYR A 340 -2.61 19.34 19.74
N LYS A 341 -3.39 18.48 19.09
CA LYS A 341 -4.34 18.88 18.01
C LYS A 341 -5.37 19.88 18.54
N ALA A 342 -5.73 19.80 19.84
CA ALA A 342 -6.82 20.58 20.48
C ALA A 342 -6.31 21.93 20.99
N ASP A 343 -5.01 22.05 21.28
CA ASP A 343 -4.42 23.35 21.71
C ASP A 343 -2.89 23.29 21.56
N HIS A 344 -2.38 23.70 20.40
CA HIS A 344 -0.92 23.70 20.10
C HIS A 344 -0.17 24.36 21.26
N ARG A 345 -0.53 25.59 21.59
CA ARG A 345 0.21 26.44 22.57
C ARG A 345 0.18 25.78 23.95
N ALA A 346 -1.01 25.36 24.39
CA ALA A 346 -1.22 24.64 25.67
C ALA A 346 -0.24 23.46 25.75
N PHE A 347 -0.25 22.59 24.73
CA PHE A 347 0.58 21.36 24.65
C PHE A 347 2.07 21.70 24.74
N ALA A 348 2.54 22.64 23.90
CA ALA A 348 3.94 23.09 23.80
C ALA A 348 4.45 23.59 25.17
N GLN A 349 3.65 24.43 25.83
CA GLN A 349 3.99 25.08 27.12
C GLN A 349 4.40 23.97 28.11
N SER A 350 3.76 22.80 28.02
CA SER A 350 3.77 21.72 29.04
C SER A 350 4.87 20.70 28.77
N VAL A 351 5.35 20.61 27.53
CA VAL A 351 6.48 19.69 27.18
C VAL A 351 7.73 20.20 27.88
N PRO A 352 8.39 19.36 28.72
CA PRO A 352 9.61 19.75 29.42
C PRO A 352 10.89 19.63 28.57
N ASP A 353 11.86 20.49 28.89
CA ASP A 353 13.27 20.52 28.40
C ASP A 353 13.33 21.02 26.95
N LEU A 354 12.32 21.79 26.52
CA LEU A 354 12.26 22.38 25.16
C LEU A 354 12.92 23.76 25.20
N THR A 355 13.64 24.11 24.15
CA THR A 355 14.15 25.48 23.92
C THR A 355 12.95 26.33 23.51
N PRO A 356 13.00 27.66 23.71
CA PRO A 356 11.94 28.53 23.21
C PRO A 356 11.67 28.29 21.72
N GLN A 357 12.72 28.07 20.94
CA GLN A 357 12.60 27.90 19.47
C GLN A 357 11.79 26.63 19.18
N GLU A 358 12.03 25.57 19.96
CA GLU A 358 11.28 24.29 19.87
C GLU A 358 9.82 24.52 20.27
N ARG A 359 9.56 25.17 21.41
CA ARG A 359 8.19 25.45 21.91
C ARG A 359 7.41 26.23 20.87
N ALA A 360 8.05 27.25 20.30
CA ALA A 360 7.45 28.17 19.31
C ALA A 360 7.03 27.37 18.09
N ALA A 361 7.93 26.54 17.56
CA ALA A 361 7.67 25.67 16.38
C ALA A 361 6.42 24.81 16.64
N LEU A 362 6.34 24.16 17.80
CA LEU A 362 5.14 23.37 18.20
C LEU A 362 3.89 24.27 18.25
N GLU A 363 3.99 25.46 18.82
CA GLU A 363 2.81 26.37 18.96
C GLU A 363 2.24 26.71 17.57
N LEU A 364 3.11 26.85 16.58
CA LEU A 364 2.72 27.22 15.19
C LEU A 364 2.21 25.99 14.46
N GLY A 365 2.90 24.86 14.63
CA GLY A 365 2.52 23.55 14.06
C GLY A 365 3.01 23.34 12.62
N ASP A 366 3.29 24.41 11.88
CA ASP A 366 3.54 24.31 10.41
C ASP A 366 4.92 23.71 10.17
N SER A 367 5.09 23.03 9.04
CA SER A 367 6.34 22.31 8.65
C SER A 367 7.56 23.24 8.65
N TRP A 368 7.46 24.46 8.10
CA TRP A 368 8.63 25.39 8.05
C TRP A 368 9.19 25.62 9.47
N ALA A 369 8.36 26.07 10.40
CA ALA A 369 8.78 26.40 11.78
C ALA A 369 9.49 25.20 12.40
N ILE A 370 8.94 23.99 12.22
CA ILE A 370 9.49 22.74 12.81
C ILE A 370 10.85 22.46 12.17
N ARG A 371 10.97 22.69 10.87
CA ARG A 371 12.23 22.49 10.11
C ARG A 371 13.28 23.48 10.65
N CYS A 372 12.91 24.76 10.85
CA CYS A 372 13.85 25.80 11.37
C CYS A 372 14.34 25.42 12.77
N ALA A 373 13.49 24.77 13.58
CA ALA A 373 13.79 24.44 15.00
C ALA A 373 14.65 23.19 15.07
N MET A 374 14.51 22.31 14.08
CA MET A 374 15.15 20.97 14.08
C MET A 374 16.38 21.00 13.17
N LYS A 375 16.41 21.88 12.18
CA LYS A 375 17.54 21.97 11.23
C LYS A 375 18.28 23.29 11.44
N ASN A 376 19.59 23.24 11.21
CA ASN A 376 20.50 24.42 11.19
C ASN A 376 20.36 25.06 9.80
N MET A 377 19.37 25.94 9.64
CA MET A 377 19.01 26.54 8.33
C MET A 377 20.08 27.54 7.91
N PRO A 378 20.55 27.46 6.64
CA PRO A 378 21.51 28.40 6.05
C PRO A 378 20.81 29.76 5.93
N SER A 379 21.56 30.85 6.15
CA SER A 379 21.18 32.23 5.76
C SER A 379 21.25 32.31 4.23
N SER A 380 20.09 32.22 3.56
CA SER A 380 19.94 32.02 2.09
C SER A 380 18.50 31.59 1.85
N LEU A 381 18.22 30.39 2.39
CA LEU A 381 16.91 29.73 2.40
C LEU A 381 15.93 30.62 3.13
N LEU A 382 16.36 31.05 4.31
CA LEU A 382 15.58 31.94 5.19
C LEU A 382 15.19 33.16 4.38
N ASP A 383 16.20 33.82 3.78
CA ASP A 383 16.09 35.07 2.99
C ASP A 383 14.82 35.00 2.12
N ALA A 384 14.64 33.91 1.37
CA ALA A 384 13.49 33.66 0.46
C ALA A 384 12.20 34.18 1.12
N ALA A 385 11.81 33.66 2.31
CA ALA A 385 10.78 34.23 3.23
C ALA A 385 9.41 34.41 2.55
N ARG A 386 8.88 35.66 2.48
CA ARG A 386 7.55 36.04 1.94
C ARG A 386 7.24 35.26 0.65
N GLY B 1 -1.45 -23.94 1.28
CA GLY B 1 -2.66 -24.82 1.42
C GLY B 1 -3.93 -24.05 1.12
N PHE B 2 -4.03 -23.51 -0.10
CA PHE B 2 -5.19 -22.76 -0.67
C PHE B 2 -5.72 -21.75 0.35
N PRO B 3 -5.03 -20.58 0.54
CA PRO B 3 -5.57 -19.44 1.26
C PRO B 3 -6.44 -18.57 0.33
N TRP B 4 -7.63 -18.12 0.75
CA TRP B 4 -8.61 -17.43 -0.13
C TRP B 4 -9.26 -16.25 0.60
N MVA B 5 -8.63 -15.10 0.77
CN MVA B 5 -7.35 -14.72 0.18
CA MVA B 5 -9.31 -14.08 1.62
CB MVA B 5 -8.50 -13.77 2.88
CG1 MVA B 5 -9.24 -12.84 3.83
CG2 MVA B 5 -8.13 -15.05 3.60
C MVA B 5 -9.63 -12.84 0.79
O MVA B 5 -8.97 -11.81 0.92
N ILE B 6 -10.62 -12.99 -0.09
CA ILE B 6 -10.94 -11.98 -1.08
C ILE B 6 -11.84 -10.92 -0.44
N MVA B 7 -11.48 -9.63 -0.41
CN MVA B 7 -10.37 -9.07 -1.16
CA MVA B 7 -12.32 -8.66 0.36
CB MVA B 7 -11.60 -8.01 1.57
CG1 MVA B 7 -12.58 -7.77 2.71
CG2 MVA B 7 -10.42 -8.82 2.11
C MVA B 7 -12.94 -7.62 -0.57
O MVA B 7 -13.30 -6.53 -0.16
N VAL B 8 -13.12 -7.98 -1.85
CA VAL B 8 -13.79 -7.17 -2.82
C VAL B 8 -14.41 -8.09 -3.88
N GLY B 9 -15.54 -7.70 -4.46
CA GLY B 9 -16.12 -8.28 -5.69
C GLY B 9 -16.54 -7.17 -6.62
N VAL B 10 -16.64 -7.44 -7.92
CA VAL B 10 -17.05 -6.47 -8.98
C VAL B 10 -18.47 -6.80 -9.47
N PRO B 11 -19.22 -5.85 -10.08
CA PRO B 11 -20.59 -6.06 -10.57
C PRO B 11 -21.00 -7.44 -11.11
N GLY B 12 -21.22 -8.41 -10.20
CA GLY B 12 -21.65 -9.79 -10.49
C GLY B 12 -21.27 -10.74 -9.36
N SAH C . -5.87 -5.21 0.58
CA SAH C . -4.97 -6.20 -0.09
CB SAH C . -5.62 -6.77 -1.36
CG SAH C . -6.89 -7.60 -1.06
SD SAH C . -7.63 -8.23 -2.58
C SAH C . -3.65 -5.52 -0.48
O SAH C . -3.30 -4.51 0.12
OXT SAH C . -2.92 -5.95 -1.37
C5' SAH C . -6.98 -9.89 -2.72
C4' SAH C . -5.94 -9.97 -3.81
O4' SAH C . -4.73 -9.31 -3.36
C3' SAH C . -5.47 -11.36 -4.21
O3' SAH C . -6.37 -12.03 -5.08
C2' SAH C . -4.17 -11.00 -4.92
O2' SAH C . -4.42 -10.55 -6.23
C1' SAH C . -3.62 -9.92 -3.97
N9 SAH C . -2.74 -10.47 -2.95
C8 SAH C . -3.03 -10.72 -1.63
N7 SAH C . -2.03 -11.27 -0.97
C5 SAH C . -1.05 -11.43 -1.92
C6 SAH C . 0.23 -11.99 -1.87
N6 SAH C . 0.74 -12.51 -0.76
N1 SAH C . 0.97 -12.00 -3.00
C2 SAH C . 0.44 -11.49 -4.12
N3 SAH C . -0.76 -10.93 -4.29
C4 SAH C . -1.46 -10.94 -3.15
#